data_3U4V
#
_entry.id   3U4V
#
_cell.length_a   67.746
_cell.length_b   67.746
_cell.length_c   70.061
_cell.angle_alpha   90.000
_cell.angle_beta   90.000
_cell.angle_gamma   90.000
#
_symmetry.space_group_name_H-M   'P 41'
#
loop_
_entity.id
_entity.type
_entity.pdbx_description
1 polymer 'Telomerase-associated protein 82'
2 water water
#
_entity_poly.entity_id   1
_entity_poly.type   'polypeptide(L)'
_entity_poly.pdbx_seq_one_letter_code
;NFNIGSLSDQLSKQTLLISQLQVGKNRFSFKFEGRVVYKSSTFQNQQDSKYFFITAQDANNQEIN(MSE)SFWQKVDQSY
QTLKVGQYYYFIGGEVKQFKNNLELKFKFGDYQIIPKETLS
;
_entity_poly.pdbx_strand_id   A,B
#
# COMPACT_ATOMS: atom_id res chain seq x y z
N ASN A 1 -6.01 11.30 -2.88
CA ASN A 1 -6.65 10.01 -3.11
C ASN A 1 -5.78 9.06 -3.94
N PHE A 2 -6.16 7.79 -3.97
CA PHE A 2 -5.41 6.79 -4.73
C PHE A 2 -5.68 6.87 -6.23
N ASN A 3 -4.68 6.48 -7.01
CA ASN A 3 -4.82 6.41 -8.46
C ASN A 3 -5.06 4.97 -8.87
N ILE A 4 -6.30 4.52 -8.77
CA ILE A 4 -6.63 3.13 -9.07
C ILE A 4 -6.48 2.82 -10.56
N GLY A 5 -6.71 3.83 -11.39
CA GLY A 5 -6.55 3.71 -12.84
C GLY A 5 -7.88 3.74 -13.58
N SER A 6 -7.80 3.96 -14.89
CA SER A 6 -8.98 3.87 -15.75
C SER A 6 -9.49 2.43 -15.72
N LEU A 7 -10.70 2.21 -16.24
CA LEU A 7 -11.23 0.85 -16.31
C LEU A 7 -10.31 -0.05 -17.12
N SER A 8 -9.71 0.49 -18.17
CA SER A 8 -8.76 -0.25 -18.97
C SER A 8 -7.52 -0.65 -18.14
N ASP A 9 -6.97 0.29 -17.40
CA ASP A 9 -5.83 0.02 -16.51
C ASP A 9 -6.18 -1.06 -15.49
N GLN A 10 -7.39 -0.99 -14.97
CA GLN A 10 -7.80 -1.96 -13.96
C GLN A 10 -7.85 -3.37 -14.54
N LEU A 11 -8.45 -3.52 -15.72
CA LEU A 11 -8.56 -4.84 -16.33
C LEU A 11 -7.20 -5.35 -16.82
N SER A 12 -6.26 -4.43 -17.01
CA SER A 12 -4.90 -4.80 -17.43
C SER A 12 -4.09 -5.50 -16.34
N LYS A 13 -4.48 -5.32 -15.08
CA LYS A 13 -3.77 -5.93 -13.97
C LYS A 13 -3.90 -7.45 -14.00
N GLN A 14 -2.83 -8.14 -13.58
CA GLN A 14 -2.79 -9.59 -13.59
C GLN A 14 -3.87 -10.19 -12.68
N THR A 15 -4.63 -11.14 -13.19
CA THR A 15 -5.62 -11.84 -12.36
C THR A 15 -4.91 -12.90 -11.53
N LEU A 16 -5.12 -12.88 -10.22
CA LEU A 16 -4.52 -13.87 -9.32
C LEU A 16 -5.55 -14.81 -8.69
N LEU A 17 -5.21 -16.09 -8.62
CA LEU A 17 -6.01 -17.06 -7.89
C LEU A 17 -5.76 -16.96 -6.40
N ILE A 18 -6.65 -17.52 -5.61
CA ILE A 18 -6.47 -17.50 -4.16
C ILE A 18 -5.12 -18.08 -3.78
N SER A 19 -4.72 -19.14 -4.48
CA SER A 19 -3.48 -19.82 -4.17
C SER A 19 -2.27 -18.94 -4.45
N GLN A 20 -2.48 -17.83 -5.15
CA GLN A 20 -1.37 -16.95 -5.51
C GLN A 20 -1.27 -15.72 -4.62
N LEU A 21 -2.23 -15.56 -3.70
CA LEU A 21 -2.24 -14.41 -2.80
C LEU A 21 -1.26 -14.57 -1.64
N GLN A 22 -0.65 -13.47 -1.24
CA GLN A 22 0.27 -13.44 -0.10
C GLN A 22 0.08 -12.15 0.67
N VAL A 23 0.20 -12.22 2.00
CA VAL A 23 0.08 -11.03 2.82
C VAL A 23 1.11 -9.99 2.37
N GLY A 24 0.66 -8.76 2.21
CA GLY A 24 1.54 -7.68 1.85
C GLY A 24 1.66 -7.41 0.36
N LYS A 25 1.06 -8.27 -0.46
CA LYS A 25 1.12 -8.07 -1.90
C LYS A 25 0.64 -6.67 -2.24
N ASN A 26 1.34 -6.01 -3.16
CA ASN A 26 0.98 -4.65 -3.54
C ASN A 26 -0.46 -4.61 -4.02
N ARG A 27 -1.25 -3.72 -3.45
CA ARG A 27 -2.70 -3.72 -3.66
C ARG A 27 -3.12 -3.31 -5.06
N PHE A 28 -2.24 -2.66 -5.79
CA PHE A 28 -2.55 -2.21 -7.14
C PHE A 28 -1.81 -3.04 -8.18
N SER A 29 -1.30 -4.19 -7.76
CA SER A 29 -0.48 -5.02 -8.65
C SER A 29 -1.23 -6.21 -9.24
N PHE A 30 -2.50 -6.34 -8.89
CA PHE A 30 -3.28 -7.49 -9.33
C PHE A 30 -4.76 -7.20 -9.29
N LYS A 31 -5.55 -8.06 -9.94
CA LYS A 31 -6.99 -8.06 -9.73
C LYS A 31 -7.41 -9.45 -9.30
N PHE A 32 -8.51 -9.53 -8.57
CA PHE A 32 -9.01 -10.81 -8.13
C PHE A 32 -10.35 -11.07 -8.80
N GLU A 33 -10.51 -12.26 -9.38
CA GLU A 33 -11.77 -12.63 -10.00
C GLU A 33 -12.47 -13.65 -9.11
N GLY A 34 -13.76 -13.46 -8.89
CA GLY A 34 -14.49 -14.38 -8.04
C GLY A 34 -15.99 -14.38 -8.25
N ARG A 35 -16.60 -15.52 -7.97
CA ARG A 35 -18.05 -15.63 -8.00
C ARG A 35 -18.54 -15.51 -6.57
N VAL A 36 -19.52 -14.66 -6.33
CA VAL A 36 -20.06 -14.48 -4.98
C VAL A 36 -20.93 -15.68 -4.62
N VAL A 37 -20.64 -16.31 -3.49
CA VAL A 37 -21.42 -17.46 -3.04
C VAL A 37 -22.19 -17.16 -1.75
N TYR A 38 -21.81 -16.08 -1.08
CA TYR A 38 -22.44 -15.71 0.19
C TYR A 38 -22.27 -14.22 0.38
N LYS A 39 -23.33 -13.55 0.85
CA LYS A 39 -23.24 -12.15 1.26
C LYS A 39 -23.94 -11.97 2.59
N SER A 40 -23.19 -11.52 3.58
CA SER A 40 -23.73 -11.31 4.92
C SER A 40 -24.62 -10.08 4.95
N SER A 41 -25.37 -9.92 6.03
CA SER A 41 -26.01 -8.64 6.31
C SER A 41 -24.93 -7.61 6.59
N THR A 42 -25.32 -6.34 6.60
CA THR A 42 -24.40 -5.32 7.07
C THR A 42 -24.38 -5.35 8.59
N PHE A 43 -23.24 -4.95 9.13
CA PHE A 43 -23.01 -4.89 10.57
C PHE A 43 -22.45 -3.51 10.87
N GLN A 44 -22.25 -3.19 12.13
CA GLN A 44 -21.69 -1.89 12.49
C GLN A 44 -20.88 -1.99 13.78
N ASN A 45 -19.70 -1.39 13.81
CA ASN A 45 -18.85 -1.44 15.00
C ASN A 45 -19.08 -0.27 15.95
N GLN A 46 -18.28 -0.22 17.02
CA GLN A 46 -18.48 0.78 18.07
C GLN A 46 -18.04 2.17 17.62
N GLN A 47 -17.34 2.23 16.49
CA GLN A 47 -16.92 3.51 15.92
C GLN A 47 -17.86 3.96 14.82
N ASP A 48 -19.01 3.29 14.71
CA ASP A 48 -20.05 3.66 13.77
C ASP A 48 -19.71 3.27 12.32
N SER A 49 -18.62 2.53 12.14
CA SER A 49 -18.28 2.03 10.81
C SER A 49 -19.11 0.82 10.45
N LYS A 50 -19.76 0.84 9.29
CA LYS A 50 -20.50 -0.32 8.82
C LYS A 50 -19.61 -1.24 8.02
N TYR A 51 -19.95 -2.53 7.99
CA TYR A 51 -19.15 -3.52 7.29
C TYR A 51 -20.00 -4.71 6.90
N PHE A 52 -19.52 -5.47 5.91
CA PHE A 52 -20.17 -6.74 5.58
C PHE A 52 -19.17 -7.71 4.99
N PHE A 53 -19.57 -8.97 4.88
CA PHE A 53 -18.66 -10.00 4.40
C PHE A 53 -19.21 -10.68 3.17
N ILE A 54 -18.31 -11.17 2.31
CA ILE A 54 -18.74 -12.07 1.26
C ILE A 54 -17.80 -13.25 1.20
N THR A 55 -18.29 -14.36 0.66
CA THR A 55 -17.42 -15.48 0.34
C THR A 55 -17.41 -15.57 -1.17
N ALA A 56 -16.21 -15.66 -1.74
CA ALA A 56 -16.07 -15.73 -3.19
C ALA A 56 -15.30 -16.98 -3.60
N GLN A 57 -15.62 -17.50 -4.77
CA GLN A 57 -14.99 -18.70 -5.32
C GLN A 57 -14.17 -18.30 -6.54
N ASP A 58 -12.93 -18.78 -6.63
CA ASP A 58 -12.09 -18.45 -7.77
C ASP A 58 -12.22 -19.48 -8.88
N ALA A 59 -11.44 -19.30 -9.95
CA ALA A 59 -11.56 -20.14 -11.13
C ALA A 59 -11.19 -21.60 -10.87
N ASN A 60 -10.44 -21.85 -9.80
CA ASN A 60 -10.09 -23.21 -9.40
C ASN A 60 -11.01 -23.76 -8.32
N ASN A 61 -12.15 -23.10 -8.12
CA ASN A 61 -13.17 -23.54 -7.17
C ASN A 61 -12.77 -23.48 -5.71
N GLN A 62 -11.70 -22.75 -5.42
CA GLN A 62 -11.29 -22.51 -4.04
C GLN A 62 -12.07 -21.30 -3.56
N GLU A 63 -12.27 -21.20 -2.25
CA GLU A 63 -13.07 -20.10 -1.69
C GLU A 63 -12.29 -19.26 -0.68
N ILE A 64 -12.64 -17.98 -0.62
CA ILE A 64 -11.99 -17.09 0.33
C ILE A 64 -13.03 -16.11 0.86
N ASN A 65 -12.84 -15.67 2.10
CA ASN A 65 -13.68 -14.62 2.66
C ASN A 65 -13.13 -13.25 2.34
N MSE A 66 -14.04 -12.30 2.16
CA MSE A 66 -13.66 -10.92 1.93
C MSE A 66 -14.49 -10.06 2.87
O MSE A 66 -15.61 -10.43 3.23
CB MSE A 66 -13.92 -10.55 0.47
CG MSE A 66 -13.33 -11.60 -0.46
SE MSE A 66 -13.47 -11.14 -2.36
CE MSE A 66 -15.11 -10.21 -2.28
N SER A 67 -13.93 -8.92 3.28
CA SER A 67 -14.65 -8.03 4.15
C SER A 67 -14.62 -6.65 3.53
N PHE A 68 -15.73 -5.93 3.68
CA PHE A 68 -15.87 -4.60 3.11
C PHE A 68 -16.21 -3.64 4.23
N TRP A 69 -15.48 -2.52 4.30
CA TRP A 69 -15.61 -1.60 5.42
C TRP A 69 -15.88 -0.17 4.97
N GLN A 70 -16.91 0.42 5.58
CA GLN A 70 -17.29 1.83 5.42
C GLN A 70 -18.06 2.16 4.15
N LYS A 71 -18.99 3.10 4.25
CA LYS A 71 -19.86 3.51 3.14
C LYS A 71 -20.40 2.28 2.40
N VAL A 72 -20.81 1.27 3.14
CA VAL A 72 -21.15 -0.02 2.54
C VAL A 72 -22.30 0.05 1.56
N ASP A 73 -23.21 0.99 1.77
CA ASP A 73 -24.36 1.15 0.89
C ASP A 73 -23.94 1.38 -0.56
N GLN A 74 -22.75 1.93 -0.77
CA GLN A 74 -22.29 2.23 -2.12
C GLN A 74 -21.83 1.00 -2.87
N SER A 75 -21.53 -0.08 -2.14
CA SER A 75 -21.05 -1.29 -2.77
C SER A 75 -21.98 -2.49 -2.57
N TYR A 76 -22.80 -2.44 -1.53
CA TYR A 76 -23.57 -3.61 -1.10
C TYR A 76 -24.50 -4.16 -2.19
N GLN A 77 -25.15 -3.26 -2.92
CA GLN A 77 -26.14 -3.67 -3.91
C GLN A 77 -25.57 -4.27 -5.19
N THR A 78 -24.31 -3.98 -5.50
CA THR A 78 -23.76 -4.45 -6.75
C THR A 78 -23.36 -5.91 -6.66
N LEU A 79 -23.11 -6.38 -5.44
CA LEU A 79 -22.64 -7.74 -5.19
C LEU A 79 -23.82 -8.68 -4.99
N LYS A 80 -23.92 -9.68 -5.86
CA LYS A 80 -25.06 -10.57 -5.89
C LYS A 80 -24.60 -12.01 -5.95
N VAL A 81 -25.17 -12.85 -5.09
CA VAL A 81 -24.82 -14.26 -5.09
C VAL A 81 -25.03 -14.87 -6.47
N GLY A 82 -24.03 -15.60 -6.95
CA GLY A 82 -24.11 -16.25 -8.25
C GLY A 82 -23.46 -15.46 -9.37
N GLN A 83 -23.16 -14.19 -9.12
CA GLN A 83 -22.54 -13.35 -10.13
C GLN A 83 -21.03 -13.26 -9.96
N TYR A 84 -20.35 -12.90 -11.05
CA TYR A 84 -18.90 -12.82 -11.09
C TYR A 84 -18.43 -11.37 -11.10
N TYR A 85 -17.29 -11.12 -10.47
CA TYR A 85 -16.73 -9.77 -10.38
C TYR A 85 -15.21 -9.77 -10.44
N TYR A 86 -14.66 -8.64 -10.88
CA TYR A 86 -13.26 -8.34 -10.64
C TYR A 86 -13.17 -7.38 -9.46
N PHE A 87 -12.25 -7.65 -8.56
CA PHE A 87 -12.01 -6.79 -7.39
C PHE A 87 -10.60 -6.24 -7.49
N ILE A 88 -10.47 -4.92 -7.41
CA ILE A 88 -9.15 -4.29 -7.48
C ILE A 88 -8.89 -3.45 -6.22
N GLY A 89 -7.74 -3.65 -5.60
CA GLY A 89 -7.34 -2.82 -4.47
C GLY A 89 -7.41 -3.50 -3.12
N GLY A 90 -7.71 -4.79 -3.11
CA GLY A 90 -7.86 -5.50 -1.86
C GLY A 90 -6.56 -5.66 -1.09
N GLU A 91 -6.65 -5.61 0.24
CA GLU A 91 -5.53 -5.93 1.11
C GLU A 91 -5.57 -7.41 1.42
N VAL A 92 -4.49 -8.13 1.11
CA VAL A 92 -4.41 -9.53 1.53
C VAL A 92 -4.04 -9.55 3.00
N LYS A 93 -4.94 -10.06 3.82
CA LYS A 93 -4.85 -9.90 5.26
C LYS A 93 -4.93 -11.25 5.94
N GLN A 94 -4.18 -11.41 7.03
CA GLN A 94 -4.22 -12.64 7.78
C GLN A 94 -5.20 -12.53 8.93
N PHE A 95 -5.95 -13.61 9.17
CA PHE A 95 -6.77 -13.70 10.38
C PHE A 95 -6.62 -15.10 10.95
N LYS A 96 -6.12 -15.17 12.17
CA LYS A 96 -5.56 -16.41 12.69
C LYS A 96 -4.45 -16.84 11.72
N ASN A 97 -4.55 -18.03 11.17
CA ASN A 97 -3.57 -18.47 10.18
C ASN A 97 -4.16 -18.44 8.76
N ASN A 98 -5.26 -17.70 8.61
CA ASN A 98 -6.03 -17.70 7.39
C ASN A 98 -5.89 -16.40 6.63
N LEU A 99 -6.28 -16.41 5.35
CA LEU A 99 -6.17 -15.22 4.51
C LEU A 99 -7.55 -14.74 4.09
N GLU A 100 -7.72 -13.43 4.06
CA GLU A 100 -8.95 -12.83 3.53
C GLU A 100 -8.53 -11.66 2.67
N LEU A 101 -9.46 -11.15 1.87
CA LEU A 101 -9.22 -9.91 1.16
C LEU A 101 -10.08 -8.84 1.82
N LYS A 102 -9.44 -7.75 2.23
CA LYS A 102 -10.14 -6.68 2.94
C LYS A 102 -10.21 -5.43 2.08
N PHE A 103 -11.43 -4.87 2.00
CA PHE A 103 -11.69 -3.73 1.14
C PHE A 103 -12.18 -2.55 1.97
N LYS A 104 -11.39 -1.48 2.05
CA LYS A 104 -11.78 -0.32 2.83
C LYS A 104 -12.15 0.82 1.90
N PHE A 105 -13.27 1.46 2.16
CA PHE A 105 -13.75 2.53 1.28
C PHE A 105 -12.65 3.54 1.01
N GLY A 106 -12.42 3.80 -0.27
CA GLY A 106 -11.38 4.73 -0.71
C GLY A 106 -10.27 4.01 -1.45
N ASP A 107 -10.20 2.69 -1.29
CA ASP A 107 -9.03 1.93 -1.77
C ASP A 107 -9.34 0.99 -2.94
N TYR A 108 -10.60 0.83 -3.30
CA TYR A 108 -10.93 -0.29 -4.18
C TYR A 108 -11.97 -0.06 -5.26
N GLN A 109 -12.02 -1.00 -6.19
CA GLN A 109 -12.96 -0.98 -7.30
C GLN A 109 -13.61 -2.35 -7.48
N ILE A 110 -14.91 -2.37 -7.80
CA ILE A 110 -15.60 -3.59 -8.17
C ILE A 110 -16.09 -3.47 -9.61
N ILE A 111 -15.69 -4.40 -10.46
CA ILE A 111 -16.18 -4.45 -11.84
C ILE A 111 -16.98 -5.71 -12.03
N PRO A 112 -18.31 -5.59 -12.18
CA PRO A 112 -19.14 -6.78 -12.42
C PRO A 112 -18.86 -7.36 -13.80
N LYS A 113 -18.72 -8.68 -13.90
CA LYS A 113 -18.47 -9.27 -15.21
C LYS A 113 -19.65 -9.06 -16.15
N GLU A 114 -20.84 -8.86 -15.60
CA GLU A 114 -22.01 -8.65 -16.45
C GLU A 114 -21.97 -7.29 -17.14
N THR A 115 -21.01 -6.45 -16.77
CA THR A 115 -20.84 -5.17 -17.47
C THR A 115 -19.87 -5.30 -18.64
N LEU A 116 -19.32 -6.49 -18.84
CA LEU A 116 -18.15 -6.67 -19.72
C LEU A 116 -18.97 -7.20 -20.90
N PHE B 2 12.11 22.88 -3.74
CA PHE B 2 10.72 22.44 -3.67
C PHE B 2 10.01 23.04 -2.46
N ASN B 3 8.68 22.95 -2.46
CA ASN B 3 7.86 23.43 -1.35
C ASN B 3 7.23 22.26 -0.61
N ILE B 4 7.98 21.69 0.35
CA ILE B 4 7.56 20.49 1.06
C ILE B 4 6.55 20.79 2.16
N GLY B 5 6.54 22.04 2.64
CA GLY B 5 5.59 22.46 3.65
C GLY B 5 6.20 22.57 5.04
N SER B 6 5.43 23.18 5.95
CA SER B 6 5.81 23.26 7.35
C SER B 6 5.81 21.85 7.94
N LEU B 7 6.33 21.72 9.16
CA LEU B 7 6.28 20.42 9.83
C LEU B 7 4.84 19.94 10.00
N SER B 8 3.94 20.86 10.32
CA SER B 8 2.53 20.51 10.43
C SER B 8 1.98 19.99 9.10
N ASP B 9 2.33 20.68 8.01
CA ASP B 9 1.91 20.25 6.67
C ASP B 9 2.41 18.85 6.36
N GLN B 10 3.67 18.60 6.72
CA GLN B 10 4.29 17.31 6.44
C GLN B 10 3.54 16.19 7.14
N LEU B 11 3.24 16.37 8.42
CA LEU B 11 2.56 15.33 9.18
C LEU B 11 1.10 15.15 8.77
N SER B 12 0.55 16.17 8.13
CA SER B 12 -0.84 16.11 7.68
C SER B 12 -1.01 15.19 6.48
N LYS B 13 0.08 14.91 5.78
CA LYS B 13 0.02 14.06 4.59
C LYS B 13 -0.38 12.64 4.97
N GLN B 14 -1.10 11.98 4.07
CA GLN B 14 -1.54 10.62 4.32
C GLN B 14 -0.36 9.66 4.43
N THR B 15 -0.35 8.85 5.48
CA THR B 15 0.65 7.79 5.62
C THR B 15 0.29 6.61 4.73
N LEU B 16 1.25 6.10 3.96
CA LEU B 16 1.01 4.93 3.11
C LEU B 16 1.85 3.75 3.54
N LEU B 17 1.24 2.57 3.54
CA LEU B 17 1.97 1.33 3.75
C LEU B 17 2.70 0.95 2.47
N ILE B 18 3.69 0.09 2.59
CA ILE B 18 4.44 -0.40 1.44
C ILE B 18 3.53 -0.94 0.35
N SER B 19 2.51 -1.70 0.75
CA SER B 19 1.58 -2.31 -0.20
C SER B 19 0.66 -1.31 -0.90
N GLN B 20 0.73 -0.05 -0.49
CA GLN B 20 -0.10 1.01 -1.08
C GLN B 20 0.68 1.93 -2.02
N LEU B 21 1.97 1.65 -2.19
CA LEU B 21 2.82 2.51 -3.01
C LEU B 21 2.68 2.23 -4.51
N GLN B 22 2.67 3.29 -5.32
CA GLN B 22 2.67 3.13 -6.77
C GLN B 22 3.77 3.98 -7.40
N VAL B 23 4.34 3.50 -8.49
CA VAL B 23 5.38 4.25 -9.19
C VAL B 23 4.81 5.57 -9.72
N GLY B 24 5.56 6.65 -9.53
CA GLY B 24 5.17 7.92 -10.09
C GLY B 24 4.13 8.63 -9.24
N LYS B 25 3.82 8.04 -8.10
CA LYS B 25 2.97 8.71 -7.14
C LYS B 25 3.64 10.01 -6.77
N ASN B 26 2.87 11.09 -6.76
CA ASN B 26 3.40 12.41 -6.47
C ASN B 26 4.22 12.42 -5.18
N ARG B 27 5.47 12.87 -5.29
CA ARG B 27 6.44 12.79 -4.20
C ARG B 27 6.09 13.62 -2.97
N PHE B 28 5.10 14.49 -3.09
CA PHE B 28 4.74 15.39 -2.00
C PHE B 28 3.31 15.16 -1.51
N SER B 29 2.73 14.02 -1.88
CA SER B 29 1.33 13.76 -1.61
C SER B 29 1.10 12.73 -0.49
N PHE B 30 2.18 12.21 0.08
CA PHE B 30 2.03 11.22 1.16
C PHE B 30 3.25 11.23 2.07
N LYS B 31 3.16 10.55 3.20
CA LYS B 31 4.35 10.28 4.00
C LYS B 31 4.47 8.79 4.24
N PHE B 32 5.71 8.33 4.44
CA PHE B 32 5.94 6.93 4.70
C PHE B 32 6.47 6.77 6.11
N GLU B 33 5.87 5.86 6.87
CA GLU B 33 6.33 5.59 8.22
C GLU B 33 7.08 4.27 8.22
N GLY B 34 8.25 4.24 8.84
CA GLY B 34 9.01 3.00 8.89
C GLY B 34 9.99 2.94 10.05
N ARG B 35 10.28 1.73 10.49
CA ARG B 35 11.36 1.53 11.45
C ARG B 35 12.57 1.08 10.66
N VAL B 36 13.73 1.66 10.94
CA VAL B 36 14.95 1.26 10.27
C VAL B 36 15.44 -0.08 10.80
N VAL B 37 15.63 -1.04 9.91
CA VAL B 37 16.13 -2.35 10.32
C VAL B 37 17.56 -2.59 9.83
N TYR B 38 17.99 -1.79 8.86
CA TYR B 38 19.31 -1.92 8.27
C TYR B 38 19.78 -0.57 7.74
N LYS B 39 21.04 -0.25 7.93
CA LYS B 39 21.64 0.92 7.29
C LYS B 39 23.01 0.55 6.76
N SER B 40 23.20 0.73 5.45
CA SER B 40 24.46 0.38 4.83
C SER B 40 25.51 1.43 5.14
N SER B 41 26.77 1.12 4.85
CA SER B 41 27.80 2.16 4.83
C SER B 41 27.50 3.12 3.70
N THR B 42 28.17 4.26 3.69
CA THR B 42 28.06 5.13 2.54
C THR B 42 28.95 4.59 1.44
N PHE B 43 28.56 4.88 0.20
CA PHE B 43 29.31 4.47 -0.98
C PHE B 43 29.50 5.71 -1.82
N GLN B 44 30.30 5.61 -2.87
CA GLN B 44 30.53 6.78 -3.74
C GLN B 44 30.74 6.36 -5.19
N ASN B 45 30.02 7.00 -6.11
CA ASN B 45 30.22 6.72 -7.52
C ASN B 45 31.35 7.57 -8.09
N GLN B 46 31.48 7.65 -9.40
CA GLN B 46 32.59 8.42 -9.97
C GLN B 46 32.18 9.75 -10.58
N GLN B 47 30.91 10.10 -10.41
CA GLN B 47 30.50 11.49 -10.53
C GLN B 47 30.63 12.09 -9.14
N ASP B 48 31.24 11.31 -8.24
CA ASP B 48 31.59 11.76 -6.90
C ASP B 48 30.41 11.74 -5.94
N SER B 49 29.22 11.43 -6.44
CA SER B 49 28.03 11.40 -5.58
C SER B 49 28.11 10.28 -4.56
N LYS B 50 27.84 10.61 -3.30
CA LYS B 50 27.78 9.61 -2.24
C LYS B 50 26.34 9.12 -2.07
N TYR B 51 26.18 7.91 -1.56
CA TYR B 51 24.85 7.35 -1.41
C TYR B 51 24.88 6.24 -0.36
N PHE B 52 23.72 5.92 0.20
CA PHE B 52 23.62 4.79 1.12
C PHE B 52 22.23 4.19 1.05
N PHE B 53 22.05 3.03 1.68
CA PHE B 53 20.78 2.32 1.62
C PHE B 53 20.24 2.03 3.00
N ILE B 54 18.92 1.93 3.08
CA ILE B 54 18.22 1.61 4.31
C ILE B 54 17.21 0.51 3.98
N THR B 55 16.99 -0.42 4.91
CA THR B 55 15.80 -1.24 4.83
C THR B 55 14.84 -0.78 5.93
N ALA B 56 13.59 -0.53 5.55
CA ALA B 56 12.61 -0.02 6.49
C ALA B 56 11.44 -0.99 6.59
N GLN B 57 10.90 -1.12 7.80
CA GLN B 57 9.73 -1.96 8.07
C GLN B 57 8.50 -1.08 8.34
N ASP B 58 7.39 -1.36 7.66
CA ASP B 58 6.18 -0.57 7.91
C ASP B 58 5.36 -1.11 9.08
N ALA B 59 4.18 -0.51 9.31
CA ALA B 59 3.36 -0.88 10.45
C ALA B 59 2.75 -2.28 10.33
N ASN B 60 2.77 -2.84 9.13
CA ASN B 60 2.27 -4.20 8.92
C ASN B 60 3.41 -5.21 8.82
N ASN B 61 4.58 -4.79 9.28
CA ASN B 61 5.78 -5.63 9.30
C ASN B 61 6.32 -6.03 7.93
N GLN B 62 5.94 -5.30 6.89
CA GLN B 62 6.51 -5.53 5.58
C GLN B 62 7.75 -4.65 5.43
N GLU B 63 8.66 -5.03 4.53
CA GLU B 63 9.92 -4.29 4.42
C GLU B 63 10.15 -3.78 3.00
N ILE B 64 10.87 -2.68 2.90
CA ILE B 64 11.18 -2.12 1.60
C ILE B 64 12.58 -1.53 1.66
N ASN B 65 13.25 -1.46 0.51
CA ASN B 65 14.56 -0.80 0.46
C ASN B 65 14.39 0.64 0.09
N MSE B 66 15.25 1.47 0.65
CA MSE B 66 15.27 2.89 0.33
C MSE B 66 16.71 3.27 0.01
O MSE B 66 17.65 2.71 0.58
CB MSE B 66 14.73 3.71 1.49
CG MSE B 66 13.38 3.17 1.97
SE MSE B 66 12.57 4.20 3.41
CE MSE B 66 14.13 4.70 4.23
N SER B 67 16.88 4.21 -0.91
CA SER B 67 18.21 4.66 -1.25
C SER B 67 18.28 6.17 -1.07
N PHE B 68 19.42 6.65 -0.60
CA PHE B 68 19.62 8.08 -0.36
C PHE B 68 20.83 8.56 -1.15
N TRP B 69 20.64 9.63 -1.91
CA TRP B 69 21.67 10.12 -2.82
C TRP B 69 22.03 11.59 -2.57
N GLN B 70 23.33 11.88 -2.51
CA GLN B 70 23.85 13.25 -2.39
C GLN B 70 23.83 13.80 -0.96
N LYS B 71 24.89 14.53 -0.62
CA LYS B 71 25.00 15.19 0.68
C LYS B 71 24.59 14.29 1.82
N VAL B 72 25.02 13.03 1.72
CA VAL B 72 24.56 12.01 2.65
C VAL B 72 24.91 12.30 4.10
N ASP B 73 25.95 13.11 4.32
CA ASP B 73 26.37 13.45 5.67
C ASP B 73 25.27 14.16 6.45
N GLN B 74 24.40 14.88 5.75
CA GLN B 74 23.32 15.62 6.42
C GLN B 74 22.18 14.74 6.92
N SER B 75 22.08 13.52 6.40
CA SER B 75 20.97 12.66 6.79
C SER B 75 21.39 11.34 7.43
N TYR B 76 22.64 10.95 7.23
CA TYR B 76 23.10 9.61 7.65
C TYR B 76 23.03 9.41 9.15
N GLN B 77 23.33 10.45 9.91
CA GLN B 77 23.41 10.30 11.36
C GLN B 77 22.06 10.20 12.05
N THR B 78 21.01 10.73 11.42
CA THR B 78 19.72 10.79 12.07
C THR B 78 19.02 9.44 12.03
N LEU B 79 19.39 8.62 11.03
CA LEU B 79 18.76 7.33 10.82
C LEU B 79 19.47 6.26 11.64
N LYS B 80 18.74 5.62 12.55
CA LYS B 80 19.33 4.65 13.45
C LYS B 80 18.52 3.37 13.45
N VAL B 81 19.20 2.23 13.34
CA VAL B 81 18.50 0.96 13.38
C VAL B 81 17.70 0.85 14.67
N GLY B 82 16.43 0.46 14.52
CA GLY B 82 15.54 0.29 15.66
C GLY B 82 14.64 1.47 15.93
N GLN B 83 14.92 2.61 15.29
CA GLN B 83 14.14 3.82 15.49
C GLN B 83 13.11 4.01 14.39
N TYR B 84 12.06 4.76 14.68
CA TYR B 84 10.96 5.02 13.73
C TYR B 84 11.01 6.42 13.17
N TYR B 85 10.61 6.57 11.91
CA TYR B 85 10.66 7.88 11.24
C TYR B 85 9.50 8.07 10.28
N TYR B 86 9.16 9.32 10.01
CA TYR B 86 8.33 9.65 8.86
C TYR B 86 9.24 10.17 7.75
N PHE B 87 9.02 9.66 6.54
CA PHE B 87 9.78 10.07 5.36
C PHE B 87 8.82 10.77 4.41
N ILE B 88 9.16 12.01 4.03
CA ILE B 88 8.33 12.76 3.12
C ILE B 88 9.15 13.14 1.90
N GLY B 89 8.61 12.91 0.72
CA GLY B 89 9.31 13.27 -0.50
C GLY B 89 9.93 12.06 -1.14
N GLY B 90 10.91 12.29 -2.00
CA GLY B 90 11.58 11.19 -2.67
C GLY B 90 10.70 10.66 -3.78
N GLU B 91 10.83 9.38 -4.09
CA GLU B 91 10.22 8.84 -5.31
C GLU B 91 9.98 7.35 -5.18
N VAL B 92 8.79 6.89 -5.55
CA VAL B 92 8.58 5.45 -5.65
C VAL B 92 9.11 5.02 -7.01
N LYS B 93 10.12 4.16 -6.98
CA LYS B 93 10.86 3.82 -8.18
C LYS B 93 10.93 2.30 -8.33
N GLN B 94 10.92 1.83 -9.57
CA GLN B 94 11.02 0.41 -9.84
C GLN B 94 12.49 0.03 -10.10
N PHE B 95 12.91 -1.07 -9.50
CA PHE B 95 14.19 -1.69 -9.85
C PHE B 95 13.97 -3.18 -10.08
N LYS B 96 14.16 -3.62 -11.33
CA LYS B 96 13.98 -5.02 -11.70
C LYS B 96 12.63 -5.62 -11.29
N ASN B 97 11.55 -4.89 -11.54
CA ASN B 97 10.20 -5.31 -11.13
C ASN B 97 9.95 -5.26 -9.61
N ASN B 98 10.86 -4.64 -8.88
CA ASN B 98 10.67 -4.40 -7.45
C ASN B 98 10.46 -2.92 -7.20
N LEU B 99 9.97 -2.57 -6.01
CA LEU B 99 9.78 -1.16 -5.67
C LEU B 99 10.74 -0.73 -4.58
N GLU B 100 11.28 0.48 -4.73
CA GLU B 100 12.07 1.11 -3.68
C GLU B 100 11.60 2.54 -3.51
N LEU B 101 11.97 3.14 -2.39
CA LEU B 101 11.80 4.58 -2.23
C LEU B 101 13.18 5.20 -2.42
N LYS B 102 13.27 6.13 -3.37
CA LYS B 102 14.52 6.84 -3.63
C LYS B 102 14.46 8.28 -3.16
N PHE B 103 15.46 8.67 -2.37
CA PHE B 103 15.53 10.02 -1.83
C PHE B 103 16.76 10.74 -2.34
N LYS B 104 16.55 11.85 -3.05
CA LYS B 104 17.66 12.62 -3.56
C LYS B 104 17.68 13.99 -2.90
N PHE B 105 18.86 14.40 -2.46
CA PHE B 105 18.98 15.65 -1.72
C PHE B 105 18.27 16.78 -2.46
N GLY B 106 17.40 17.47 -1.74
CA GLY B 106 16.61 18.55 -2.29
C GLY B 106 15.13 18.21 -2.31
N ASP B 107 14.82 16.91 -2.28
CA ASP B 107 13.43 16.50 -2.40
C ASP B 107 12.78 15.84 -1.18
N TYR B 108 13.44 15.84 -0.03
CA TYR B 108 12.89 15.08 1.09
C TYR B 108 13.13 15.62 2.50
N GLN B 109 12.32 15.11 3.42
CA GLN B 109 12.42 15.42 4.85
C GLN B 109 12.32 14.13 5.65
N ILE B 110 13.12 14.04 6.70
CA ILE B 110 13.03 12.95 7.66
C ILE B 110 12.56 13.53 9.00
N ILE B 111 11.47 12.99 9.55
CA ILE B 111 11.03 13.39 10.87
C ILE B 111 11.09 12.18 11.80
N PRO B 112 12.03 12.17 12.75
CA PRO B 112 12.12 11.04 13.68
C PRO B 112 10.90 10.98 14.59
N LYS B 113 10.32 9.82 14.82
CA LYS B 113 9.20 9.79 15.75
C LYS B 113 9.61 10.19 17.17
N GLU B 114 10.89 10.06 17.50
CA GLU B 114 11.34 10.46 18.84
C GLU B 114 11.26 11.97 19.07
N THR B 115 11.04 12.74 18.01
CA THR B 115 10.91 14.19 18.16
C THR B 115 9.46 14.60 18.40
N LEU B 116 8.56 13.62 18.41
CA LEU B 116 7.14 13.89 18.50
C LEU B 116 6.60 13.52 19.88
N SER B 117 5.49 14.14 20.28
CA SER B 117 4.95 13.95 21.61
C SER B 117 4.34 12.55 21.77
#